data_7XB8
#
_entry.id   7XB8
#
_cell.length_a   40.380
_cell.length_b   73.234
_cell.length_c   168.148
_cell.angle_alpha   90.000
_cell.angle_beta   90.000
_cell.angle_gamma   90.000
#
_symmetry.space_group_name_H-M   'P 21 21 21'
#
loop_
_entity.id
_entity.type
_entity.pdbx_description
1 polymer 'Phosphoglycerate mutase 1'
2 non-polymer 'CHLORIDE ION'
3 non-polymer '4-(cyclopenten-1-yl)-2-[(3-sulfophenyl)sulfonylamino]benzoic acid'
4 water water
#
_entity_poly.entity_id   1
_entity_poly.type   'polypeptide(L)'
_entity_poly.pdbx_seq_one_letter_code
;MAAYKLVLIRHGESAWNLENRFSGWYDADLSPAGHEEAKRGGQALRDAGYEFDICFTSVQKRAIRTLWTVLDAIDQMWLP
VVRTWRLNERHYGGLTGLNKAETAAKHGEAQVKIWRRSYDVPPPPMEPDHPFYSNISKDRRYADLTEDQLPSCESLKDTI
ARALPFWNEEIVPQIKEGKRVLIAAHGNSLRGIVKHLEGLSEEAIMELNLPTGIPIVYELDKNLKPIKPMQFLGDEETVR
KAMEAVAAQGKAKKLEHHHHHH
;
_entity_poly.pdbx_strand_id   B,C
#
# COMPACT_ATOMS: atom_id res chain seq x y z
N ALA A 3 10.21 -11.25 -23.35
CA ALA A 3 8.76 -11.23 -23.38
C ALA A 3 8.20 -10.54 -22.14
N TYR A 4 8.72 -10.90 -20.96
CA TYR A 4 8.22 -10.31 -19.73
C TYR A 4 9.38 -9.94 -18.81
N LYS A 5 9.17 -8.97 -17.93
CA LYS A 5 10.15 -8.58 -16.94
C LYS A 5 9.51 -8.65 -15.57
N LEU A 6 10.20 -9.26 -14.60
CA LEU A 6 9.70 -9.47 -13.24
C LEU A 6 10.73 -8.98 -12.25
N VAL A 7 10.31 -8.27 -11.19
CA VAL A 7 11.24 -7.79 -10.17
C VAL A 7 10.79 -8.27 -8.80
N LEU A 8 11.75 -8.79 -8.03
CA LEU A 8 11.56 -9.21 -6.65
C LEU A 8 12.41 -8.34 -5.74
N ILE A 9 11.94 -8.08 -4.52
CA ILE A 9 12.80 -7.43 -3.54
C ILE A 9 12.55 -8.07 -2.17
N ARG A 10 13.63 -8.42 -1.49
CA ARG A 10 13.60 -8.95 -0.13
C ARG A 10 13.82 -7.81 0.85
N HIS A 11 12.99 -7.73 1.89
CA HIS A 11 13.16 -6.66 2.87
C HIS A 11 14.46 -6.86 3.65
N GLY A 12 14.92 -5.78 4.28
CA GLY A 12 16.12 -5.78 5.08
C GLY A 12 15.87 -5.97 6.56
N GLU A 13 16.84 -5.51 7.35
CA GLU A 13 16.89 -5.78 8.79
C GLU A 13 15.65 -5.29 9.54
N SER A 14 15.19 -6.10 10.49
CA SER A 14 14.07 -5.79 11.37
C SER A 14 14.56 -5.56 12.80
N ALA A 15 13.66 -5.01 13.62
CA ALA A 15 13.96 -4.77 15.02
C ALA A 15 14.36 -6.05 15.75
N TRP A 16 13.74 -7.18 15.38
CA TRP A 16 14.09 -8.43 16.04
C TRP A 16 15.41 -9.03 15.52
N ASN A 17 15.82 -8.69 14.29
CA ASN A 17 17.15 -9.10 13.86
C ASN A 17 18.22 -8.53 14.78
N LEU A 18 18.01 -7.31 15.27
CA LEU A 18 19.00 -6.70 16.16
C LEU A 18 19.01 -7.34 17.53
N GLU A 19 18.01 -8.18 17.84
CA GLU A 19 17.99 -8.98 19.05
C GLU A 19 18.36 -10.43 18.78
N ASN A 20 18.68 -10.77 17.54
CA ASN A 20 19.02 -12.15 17.15
C ASN A 20 17.91 -13.12 17.52
N ARG A 21 16.66 -12.69 17.34
CA ARG A 21 15.47 -13.47 17.67
C ARG A 21 14.77 -13.93 16.39
N PHE A 22 14.25 -15.16 16.41
CA PHE A 22 13.47 -15.69 15.30
C PHE A 22 12.13 -14.95 15.19
N SER A 23 11.88 -14.34 14.04
CA SER A 23 10.65 -13.59 13.84
C SER A 23 9.56 -14.44 13.19
N GLY A 24 9.84 -14.96 11.99
CA GLY A 24 8.82 -15.75 11.32
C GLY A 24 7.58 -14.90 11.07
N TRP A 25 6.44 -15.38 11.57
CA TRP A 25 5.19 -14.67 11.39
C TRP A 25 5.01 -13.53 12.39
N TYR A 26 5.88 -13.38 13.39
CA TYR A 26 5.79 -12.19 14.21
C TYR A 26 6.01 -10.96 13.35
N ASP A 27 5.19 -9.94 13.57
CA ASP A 27 5.13 -8.77 12.68
C ASP A 27 6.12 -7.67 13.08
N ALA A 28 7.41 -8.02 13.07
CA ALA A 28 8.45 -7.05 13.44
C ALA A 28 8.64 -5.99 12.35
N ASP A 29 8.90 -4.75 12.78
CA ASP A 29 9.08 -3.65 11.84
C ASP A 29 10.54 -3.53 11.42
N LEU A 30 10.77 -2.77 10.36
CA LEU A 30 12.13 -2.53 9.90
C LEU A 30 12.93 -1.71 10.92
N SER A 31 14.22 -2.02 11.03
CA SER A 31 15.17 -1.13 11.71
C SER A 31 15.52 0.05 10.81
N PRO A 32 16.23 1.06 11.32
CA PRO A 32 16.71 2.12 10.40
C PRO A 32 17.52 1.55 9.24
N ALA A 33 18.37 0.56 9.49
CA ALA A 33 19.16 -0.04 8.41
C ALA A 33 18.26 -0.75 7.39
N GLY A 34 17.22 -1.44 7.86
CA GLY A 34 16.31 -2.09 6.93
C GLY A 34 15.54 -1.09 6.09
N HIS A 35 15.16 0.03 6.70
CA HIS A 35 14.49 1.08 5.95
C HIS A 35 15.43 1.69 4.92
N GLU A 36 16.70 1.87 5.30
CA GLU A 36 17.67 2.42 4.36
C GLU A 36 17.88 1.48 3.17
N GLU A 37 17.89 0.17 3.42
CA GLU A 37 18.07 -0.76 2.30
C GLU A 37 16.90 -0.65 1.34
N ALA A 38 15.68 -0.50 1.86
CA ALA A 38 14.53 -0.31 0.97
C ALA A 38 14.67 0.97 0.15
N LYS A 39 15.09 2.07 0.79
CA LYS A 39 15.31 3.31 0.05
C LYS A 39 16.33 3.13 -1.06
N ARG A 40 17.46 2.46 -0.77
CA ARG A 40 18.48 2.26 -1.80
C ARG A 40 17.96 1.40 -2.95
N GLY A 41 17.19 0.34 -2.64
CA GLY A 41 16.62 -0.44 -3.73
C GLY A 41 15.64 0.37 -4.56
N GLY A 42 14.82 1.19 -3.91
CA GLY A 42 13.91 2.04 -4.65
C GLY A 42 14.63 3.04 -5.53
N GLN A 43 15.69 3.64 -5.01
CA GLN A 43 16.48 4.58 -5.82
C GLN A 43 17.17 3.87 -6.98
N ALA A 44 17.59 2.62 -6.80
CA ALA A 44 18.18 1.87 -7.92
C ALA A 44 17.13 1.66 -9.01
N LEU A 45 15.91 1.31 -8.62
CA LEU A 45 14.84 1.13 -9.60
C LEU A 45 14.51 2.45 -10.29
N ARG A 46 14.47 3.55 -9.53
CA ARG A 46 14.18 4.86 -10.11
C ARG A 46 15.25 5.27 -11.12
N ASP A 47 16.51 5.10 -10.76
CA ASP A 47 17.60 5.53 -11.63
C ASP A 47 17.62 4.73 -12.93
N ALA A 48 17.21 3.46 -12.89
CA ALA A 48 17.15 2.64 -14.08
C ALA A 48 15.84 2.78 -14.84
N GLY A 49 14.91 3.58 -14.33
CA GLY A 49 13.66 3.86 -15.03
C GLY A 49 12.63 2.76 -14.96
N TYR A 50 12.66 1.92 -13.92
CA TYR A 50 11.75 0.78 -13.88
C TYR A 50 10.33 1.24 -13.62
N GLU A 51 9.39 0.55 -14.27
CA GLU A 51 7.96 0.82 -14.13
C GLU A 51 7.24 -0.48 -13.83
N PHE A 52 6.22 -0.39 -12.99
CA PHE A 52 5.39 -1.54 -12.64
C PHE A 52 3.93 -1.19 -12.89
N ASP A 53 3.13 -2.26 -12.97
CA ASP A 53 1.68 -2.14 -13.15
C ASP A 53 0.89 -2.74 -12.00
N ILE A 54 1.50 -3.61 -11.20
CA ILE A 54 0.84 -4.21 -10.04
C ILE A 54 1.91 -4.72 -9.08
N CYS A 55 1.60 -4.67 -7.78
CA CYS A 55 2.56 -5.08 -6.75
C CYS A 55 1.93 -6.12 -5.84
N PHE A 56 2.73 -7.11 -5.45
CA PHE A 56 2.31 -8.13 -4.49
C PHE A 56 3.22 -8.09 -3.29
N THR A 57 2.64 -8.26 -2.10
CA THR A 57 3.41 -8.31 -0.87
C THR A 57 2.67 -9.22 0.12
N SER A 58 3.28 -9.39 1.30
CA SER A 58 2.72 -10.23 2.35
C SER A 58 1.76 -9.42 3.21
N VAL A 59 1.35 -9.96 4.34
CA VAL A 59 0.62 -9.18 5.34
C VAL A 59 1.52 -8.76 6.50
N GLN A 60 2.83 -8.80 6.31
CA GLN A 60 3.79 -8.45 7.34
C GLN A 60 4.40 -7.08 7.05
N LYS A 61 4.41 -6.20 8.06
CA LYS A 61 4.77 -4.81 7.82
C LYS A 61 6.22 -4.62 7.37
N ARG A 62 7.15 -5.54 7.68
CA ARG A 62 8.51 -5.28 7.18
C ARG A 62 8.58 -5.39 5.66
N ALA A 63 7.76 -6.27 5.07
CA ALA A 63 7.66 -6.30 3.61
C ALA A 63 6.78 -5.17 3.08
N ILE A 64 5.63 -4.91 3.71
CA ILE A 64 4.76 -3.85 3.24
C ILE A 64 5.48 -2.51 3.26
N ARG A 65 6.19 -2.22 4.35
CA ARG A 65 6.93 -0.96 4.42
C ARG A 65 8.05 -0.89 3.39
N THR A 66 8.73 -2.02 3.10
CA THR A 66 9.68 -2.02 1.99
C THR A 66 9.01 -1.65 0.67
N LEU A 67 7.84 -2.24 0.40
CA LEU A 67 7.10 -1.89 -0.81
C LEU A 67 6.75 -0.41 -0.83
N TRP A 68 6.20 0.10 0.28
CA TRP A 68 5.85 1.51 0.35
C TRP A 68 7.04 2.41 0.05
N THR A 69 8.19 2.12 0.65
CA THR A 69 9.39 2.91 0.42
C THR A 69 9.83 2.86 -1.04
N VAL A 70 9.74 1.68 -1.67
CA VAL A 70 10.10 1.56 -3.08
C VAL A 70 9.13 2.36 -3.93
N LEU A 71 7.82 2.23 -3.68
CA LEU A 71 6.84 2.96 -4.49
C LEU A 71 7.01 4.47 -4.35
N ASP A 72 7.33 4.93 -3.15
CA ASP A 72 7.64 6.34 -2.94
C ASP A 72 8.84 6.76 -3.79
N ALA A 73 9.92 5.98 -3.73
CA ALA A 73 11.14 6.31 -4.46
C ALA A 73 10.92 6.38 -5.97
N ILE A 74 10.08 5.51 -6.52
CA ILE A 74 9.89 5.44 -7.97
C ILE A 74 8.67 6.23 -8.42
N ASP A 75 8.04 7.00 -7.53
CA ASP A 75 6.87 7.82 -7.86
C ASP A 75 5.73 6.97 -8.43
N GLN A 76 5.51 5.79 -7.84
CA GLN A 76 4.42 4.93 -8.31
C GLN A 76 3.54 4.49 -7.15
N MET A 77 3.27 5.42 -6.22
CA MET A 77 2.42 5.09 -5.08
C MET A 77 0.98 4.82 -5.48
N TRP A 78 0.59 5.19 -6.69
CA TRP A 78 -0.75 4.99 -7.21
C TRP A 78 -1.01 3.56 -7.71
N LEU A 79 0.00 2.69 -7.73
CA LEU A 79 -0.16 1.36 -8.30
C LEU A 79 -1.08 0.50 -7.44
N PRO A 80 -1.81 -0.43 -8.04
CA PRO A 80 -2.55 -1.40 -7.24
C PRO A 80 -1.61 -2.32 -6.47
N VAL A 81 -1.96 -2.57 -5.21
CA VAL A 81 -1.18 -3.41 -4.31
C VAL A 81 -2.08 -4.54 -3.83
N VAL A 82 -1.56 -5.76 -3.84
CA VAL A 82 -2.27 -6.95 -3.36
C VAL A 82 -1.43 -7.57 -2.24
N ARG A 83 -2.05 -7.76 -1.06
CA ARG A 83 -1.40 -8.41 0.08
C ARG A 83 -1.92 -9.83 0.25
N THR A 84 -1.02 -10.76 0.61
CA THR A 84 -1.45 -12.12 0.90
C THR A 84 -0.57 -12.75 1.97
N TRP A 85 -1.21 -13.48 2.88
CA TRP A 85 -0.43 -14.30 3.81
C TRP A 85 0.44 -15.33 3.10
N ARG A 86 0.10 -15.68 1.86
CA ARG A 86 0.88 -16.72 1.21
C ARG A 86 2.28 -16.28 0.85
N LEU A 87 2.56 -14.97 0.92
CA LEU A 87 3.92 -14.46 0.74
C LEU A 87 4.63 -14.18 2.06
N ASN A 88 4.03 -14.56 3.19
CA ASN A 88 4.65 -14.36 4.49
C ASN A 88 5.99 -15.11 4.61
N GLU A 89 6.82 -14.63 5.53
CA GLU A 89 8.02 -15.35 5.94
C GLU A 89 7.66 -16.75 6.42
N ARG A 90 8.64 -17.64 6.39
CA ARG A 90 8.48 -18.97 6.97
C ARG A 90 8.01 -18.85 8.42
N HIS A 91 7.05 -19.69 8.80
CA HIS A 91 6.54 -19.73 10.17
C HIS A 91 7.46 -20.54 11.07
N TYR A 92 8.25 -19.92 12.09
CA TYR A 92 9.28 -20.63 12.79
C TYR A 92 8.69 -21.33 14.01
N GLY A 93 7.27 -21.38 14.12
CA GLY A 93 6.67 -22.23 15.14
C GLY A 93 7.11 -21.83 16.54
N GLY A 94 7.38 -22.84 17.37
CA GLY A 94 7.82 -22.58 18.74
C GLY A 94 9.12 -21.81 18.88
N LEU A 95 9.94 -21.70 17.83
CA LEU A 95 11.15 -20.91 17.92
C LEU A 95 10.88 -19.42 17.91
N THR A 96 9.68 -19.01 17.50
CA THR A 96 9.36 -17.60 17.39
C THR A 96 9.62 -16.87 18.70
N GLY A 97 10.38 -15.78 18.65
CA GLY A 97 10.70 -15.00 19.82
C GLY A 97 11.96 -15.43 20.56
N LEU A 98 12.43 -16.65 20.33
CA LEU A 98 13.65 -17.12 20.98
C LEU A 98 14.88 -16.60 20.26
N ASN A 99 15.96 -16.41 21.02
CA ASN A 99 17.26 -16.19 20.40
C ASN A 99 17.98 -17.53 20.24
N LYS A 100 19.24 -17.49 19.80
CA LYS A 100 19.92 -18.74 19.46
C LYS A 100 20.27 -19.53 20.71
N ALA A 101 20.72 -18.86 21.77
CA ALA A 101 21.05 -19.55 23.01
C ALA A 101 19.83 -20.22 23.62
N GLU A 102 18.70 -19.50 23.66
CA GLU A 102 17.47 -20.06 24.22
C GLU A 102 16.99 -21.26 23.42
N THR A 103 17.10 -21.17 22.08
CA THR A 103 16.69 -22.28 21.24
C THR A 103 17.58 -23.49 21.49
N ALA A 104 18.88 -23.28 21.59
CA ALA A 104 19.79 -24.40 21.85
C ALA A 104 19.50 -25.03 23.21
N ALA A 105 19.32 -24.20 24.24
CA ALA A 105 19.03 -24.73 25.58
C ALA A 105 17.73 -25.53 25.59
N LYS A 106 16.69 -25.02 24.92
CA LYS A 106 15.38 -25.65 25.00
C LYS A 106 15.31 -26.91 24.15
N HIS A 107 15.94 -26.92 22.97
CA HIS A 107 15.68 -27.96 22.00
C HIS A 107 16.90 -28.81 21.65
N GLY A 108 18.10 -28.46 22.11
CA GLY A 108 19.24 -29.30 21.86
C GLY A 108 19.98 -28.98 20.58
N GLU A 109 21.31 -29.14 20.62
CA GLU A 109 22.12 -28.96 19.43
C GLU A 109 21.75 -29.95 18.34
N ALA A 110 21.34 -31.18 18.70
CA ALA A 110 21.03 -32.19 17.69
C ALA A 110 19.84 -31.75 16.84
N GLN A 111 18.74 -31.33 17.48
CA GLN A 111 17.61 -30.85 16.70
C GLN A 111 17.97 -29.58 15.94
N VAL A 112 18.75 -28.68 16.54
CA VAL A 112 19.13 -27.47 15.81
C VAL A 112 19.85 -27.81 14.51
N LYS A 113 20.81 -28.73 14.59
CA LYS A 113 21.54 -29.14 13.39
C LYS A 113 20.59 -29.73 12.34
N ILE A 114 19.65 -30.58 12.79
CA ILE A 114 18.67 -31.13 11.85
C ILE A 114 17.88 -30.03 11.18
N TRP A 115 17.31 -29.12 11.97
CA TRP A 115 16.45 -28.07 11.40
C TRP A 115 17.22 -27.21 10.41
N ARG A 116 18.45 -26.84 10.75
CA ARG A 116 19.19 -25.93 9.90
C ARG A 116 19.61 -26.60 8.59
N ARG A 117 19.87 -27.91 8.59
CA ARG A 117 20.29 -28.50 7.32
C ARG A 117 19.14 -29.07 6.50
N SER A 118 17.92 -29.09 7.03
CA SER A 118 16.85 -29.88 6.43
C SER A 118 15.88 -29.02 5.63
N TYR A 119 15.45 -29.56 4.49
CA TYR A 119 14.46 -28.92 3.64
C TYR A 119 13.04 -29.16 4.13
N ASP A 120 12.78 -30.30 4.78
CA ASP A 120 11.41 -30.71 5.02
C ASP A 120 11.13 -31.14 6.47
N VAL A 121 12.01 -30.83 7.42
CA VAL A 121 11.74 -31.11 8.83
C VAL A 121 11.36 -29.78 9.48
N PRO A 122 10.12 -29.61 9.96
CA PRO A 122 9.68 -28.31 10.49
C PRO A 122 10.22 -28.09 11.89
N PRO A 123 10.27 -26.83 12.31
CA PRO A 123 10.52 -26.51 13.72
C PRO A 123 9.36 -27.00 14.58
N PRO A 124 9.47 -26.90 15.91
CA PRO A 124 8.37 -27.36 16.77
C PRO A 124 7.13 -26.51 16.56
N PRO A 125 5.94 -27.04 16.80
CA PRO A 125 4.72 -26.25 16.63
C PRO A 125 4.64 -25.14 17.67
N MET A 126 4.05 -24.02 17.26
CA MET A 126 3.75 -22.94 18.22
C MET A 126 2.43 -23.28 18.89
N GLU A 127 2.49 -23.67 20.17
CA GLU A 127 1.38 -24.18 20.97
C GLU A 127 0.67 -23.02 21.65
N PRO A 128 -0.56 -23.23 22.14
CA PRO A 128 -1.30 -22.12 22.77
C PRO A 128 -0.61 -21.54 24.00
N ASP A 129 0.31 -22.25 24.64
CA ASP A 129 1.03 -21.66 25.76
C ASP A 129 2.23 -20.82 25.34
N HIS A 130 2.54 -20.77 24.05
CA HIS A 130 3.65 -19.99 23.57
C HIS A 130 3.36 -18.49 23.74
N PRO A 131 4.35 -17.69 24.13
CA PRO A 131 4.09 -16.27 24.40
C PRO A 131 3.61 -15.48 23.20
N PHE A 132 3.84 -15.96 21.97
CA PHE A 132 3.38 -15.24 20.79
C PHE A 132 2.26 -15.98 20.07
N TYR A 133 1.71 -17.03 20.68
CA TYR A 133 0.59 -17.74 20.05
C TYR A 133 -0.60 -16.82 19.83
N SER A 134 -1.05 -16.10 20.87
CA SER A 134 -2.22 -15.24 20.67
C SER A 134 -1.91 -14.12 19.69
N ASN A 135 -0.70 -13.58 19.76
CA ASN A 135 -0.31 -12.46 18.92
C ASN A 135 -0.33 -12.82 17.45
N ILE A 136 -0.03 -14.08 17.12
CA ILE A 136 0.09 -14.50 15.72
C ILE A 136 -1.11 -15.34 15.31
N SER A 137 -1.30 -16.50 15.97
CA SER A 137 -2.34 -17.43 15.56
C SER A 137 -3.74 -16.87 15.74
N LYS A 138 -3.95 -15.94 16.67
CA LYS A 138 -5.27 -15.37 16.88
C LYS A 138 -5.39 -13.96 16.35
N ASP A 139 -4.43 -13.51 15.53
CA ASP A 139 -4.54 -12.22 14.86
C ASP A 139 -5.65 -12.29 13.83
N ARG A 140 -6.53 -11.27 13.81
CA ARG A 140 -7.69 -11.35 12.94
C ARG A 140 -7.31 -11.32 11.46
N ARG A 141 -6.08 -10.92 11.13
CA ARG A 141 -5.70 -10.94 9.72
C ARG A 141 -5.65 -12.34 9.15
N TYR A 142 -5.63 -13.37 10.01
CA TYR A 142 -5.68 -14.76 9.57
C TYR A 142 -7.04 -15.40 9.85
N ALA A 143 -8.06 -14.61 10.19
CA ALA A 143 -9.35 -15.16 10.58
C ALA A 143 -10.01 -15.94 9.45
N ASP A 144 -9.71 -15.59 8.20
CA ASP A 144 -10.34 -16.25 7.04
C ASP A 144 -9.58 -17.48 6.58
N LEU A 145 -8.47 -17.84 7.23
CA LEU A 145 -7.76 -19.05 6.87
C LEU A 145 -8.49 -20.27 7.43
N THR A 146 -8.49 -21.35 6.66
CA THR A 146 -9.01 -22.60 7.18
C THR A 146 -8.08 -23.15 8.25
N GLU A 147 -8.63 -24.05 9.07
CA GLU A 147 -7.80 -24.66 10.12
C GLU A 147 -6.61 -25.38 9.51
N ASP A 148 -6.76 -25.91 8.30
CA ASP A 148 -5.68 -26.60 7.61
C ASP A 148 -4.66 -25.62 7.03
N GLN A 149 -5.08 -24.39 6.70
CA GLN A 149 -4.15 -23.43 6.11
C GLN A 149 -3.30 -22.73 7.15
N LEU A 150 -3.83 -22.51 8.36
CA LEU A 150 -3.06 -21.75 9.34
C LEU A 150 -1.92 -22.59 9.88
N PRO A 151 -0.67 -22.26 9.61
CA PRO A 151 0.44 -23.08 10.09
C PRO A 151 0.68 -22.89 11.58
N SER A 152 1.07 -23.98 12.23
CA SER A 152 1.69 -23.87 13.54
C SER A 152 3.21 -23.85 13.46
N CYS A 153 3.77 -24.18 12.30
CA CYS A 153 5.21 -24.24 12.05
C CYS A 153 5.36 -24.63 10.59
N GLU A 154 6.54 -24.35 10.03
CA GLU A 154 6.79 -24.61 8.61
C GLU A 154 8.25 -24.99 8.40
N SER A 155 8.48 -26.08 7.68
CA SER A 155 9.75 -26.27 6.99
C SER A 155 9.78 -25.38 5.76
N LEU A 156 10.97 -25.27 5.16
CA LEU A 156 11.05 -24.55 3.88
C LEU A 156 10.13 -25.16 2.84
N LYS A 157 10.06 -26.49 2.78
CA LYS A 157 9.14 -27.15 1.88
C LYS A 157 7.70 -26.69 2.11
N ASP A 158 7.28 -26.59 3.38
CA ASP A 158 5.92 -26.10 3.68
C ASP A 158 5.71 -24.67 3.17
N THR A 159 6.67 -23.79 3.45
CA THR A 159 6.54 -22.40 3.03
C THR A 159 6.36 -22.32 1.52
N ILE A 160 7.21 -23.03 0.79
CA ILE A 160 7.14 -23.01 -0.66
C ILE A 160 5.81 -23.57 -1.14
N ALA A 161 5.33 -24.63 -0.47
CA ALA A 161 4.09 -25.27 -0.90
C ALA A 161 2.89 -24.35 -0.74
N ARG A 162 2.91 -23.41 0.21
CA ARG A 162 1.77 -22.48 0.29
C ARG A 162 2.01 -21.17 -0.45
N ALA A 163 3.26 -20.87 -0.83
CA ALA A 163 3.50 -19.68 -1.64
C ALA A 163 3.22 -19.93 -3.12
N LEU A 164 3.63 -21.07 -3.66
CA LEU A 164 3.47 -21.30 -5.09
C LEU A 164 2.02 -21.29 -5.57
N PRO A 165 1.01 -21.75 -4.82
CA PRO A 165 -0.37 -21.57 -5.30
C PRO A 165 -0.72 -20.11 -5.57
N PHE A 166 -0.23 -19.18 -4.76
CA PHE A 166 -0.51 -17.78 -5.04
C PHE A 166 0.21 -17.32 -6.30
N TRP A 167 1.46 -17.74 -6.48
CA TRP A 167 2.17 -17.44 -7.72
C TRP A 167 1.38 -17.94 -8.92
N ASN A 168 0.92 -19.20 -8.88
CA ASN A 168 0.29 -19.80 -10.04
C ASN A 168 -1.09 -19.20 -10.31
N GLU A 169 -1.85 -18.93 -9.25
CA GLU A 169 -3.24 -18.51 -9.40
C GLU A 169 -3.41 -17.01 -9.58
N GLU A 170 -2.55 -16.20 -8.97
CA GLU A 170 -2.74 -14.76 -8.96
C GLU A 170 -1.66 -13.98 -9.68
N ILE A 171 -0.41 -14.41 -9.61
CA ILE A 171 0.67 -13.63 -10.20
C ILE A 171 0.87 -13.98 -11.67
N VAL A 172 0.96 -15.28 -11.98
CA VAL A 172 1.17 -15.70 -13.37
C VAL A 172 0.15 -15.09 -14.33
N PRO A 173 -1.15 -15.06 -14.03
CA PRO A 173 -2.08 -14.45 -14.99
C PRO A 173 -1.82 -12.97 -15.22
N GLN A 174 -1.38 -12.23 -14.19
CA GLN A 174 -1.00 -10.84 -14.39
C GLN A 174 0.20 -10.73 -15.31
N ILE A 175 1.20 -11.59 -15.13
CA ILE A 175 2.38 -11.55 -16.01
C ILE A 175 1.97 -11.84 -17.45
N LYS A 176 1.13 -12.85 -17.65
CA LYS A 176 0.74 -13.23 -19.01
C LYS A 176 -0.11 -12.16 -19.67
N GLU A 177 -0.82 -11.36 -18.89
CA GLU A 177 -1.54 -10.22 -19.43
C GLU A 177 -0.59 -9.09 -19.86
N GLY A 178 0.70 -9.20 -19.54
CA GLY A 178 1.65 -8.16 -19.86
C GLY A 178 1.88 -7.15 -18.77
N LYS A 179 1.35 -7.37 -17.57
CA LYS A 179 1.56 -6.43 -16.48
C LYS A 179 2.96 -6.62 -15.91
N ARG A 180 3.61 -5.50 -15.61
CA ARG A 180 4.96 -5.49 -15.04
C ARG A 180 4.83 -5.64 -13.53
N VAL A 181 5.24 -6.78 -13.00
CA VAL A 181 4.97 -7.15 -11.61
C VAL A 181 6.18 -6.86 -10.74
N LEU A 182 5.92 -6.28 -9.57
CA LEU A 182 6.89 -6.16 -8.48
C LEU A 182 6.40 -7.01 -7.32
N ILE A 183 7.28 -7.86 -6.78
CA ILE A 183 6.96 -8.67 -5.58
C ILE A 183 7.91 -8.25 -4.48
N ALA A 184 7.35 -7.73 -3.37
CA ALA A 184 8.12 -7.32 -2.20
C ALA A 184 7.76 -8.28 -1.08
N ALA A 185 8.69 -9.16 -0.72
CA ALA A 185 8.33 -10.18 0.25
C ALA A 185 9.53 -10.56 1.11
N HIS A 186 9.62 -11.84 1.45
CA HIS A 186 10.53 -12.34 2.45
C HIS A 186 11.45 -13.39 1.84
N GLY A 187 12.56 -13.65 2.52
CA GLY A 187 13.54 -14.61 1.99
C GLY A 187 12.94 -15.95 1.61
N ASN A 188 12.17 -16.57 2.51
CA ASN A 188 11.75 -17.94 2.24
C ASN A 188 10.61 -18.03 1.20
N SER A 189 9.70 -17.06 1.19
CA SER A 189 8.66 -17.08 0.17
C SER A 189 9.25 -16.76 -1.21
N LEU A 190 10.21 -15.83 -1.25
CA LEU A 190 10.85 -15.55 -2.53
C LEU A 190 11.66 -16.74 -2.99
N ARG A 191 12.24 -17.51 -2.06
CA ARG A 191 12.96 -18.73 -2.45
C ARG A 191 12.03 -19.69 -3.18
N GLY A 192 10.77 -19.78 -2.74
CA GLY A 192 9.81 -20.59 -3.48
C GLY A 192 9.70 -20.15 -4.93
N ILE A 193 9.54 -18.84 -5.14
CA ILE A 193 9.41 -18.33 -6.51
C ILE A 193 10.67 -18.61 -7.33
N VAL A 194 11.83 -18.41 -6.74
CA VAL A 194 13.10 -18.62 -7.45
C VAL A 194 13.29 -20.08 -7.80
N LYS A 195 13.04 -20.97 -6.85
CA LYS A 195 13.17 -22.40 -7.12
C LYS A 195 12.30 -22.82 -8.28
N HIS A 196 11.05 -22.34 -8.29
CA HIS A 196 10.13 -22.67 -9.37
C HIS A 196 10.62 -22.13 -10.72
N LEU A 197 10.98 -20.85 -10.77
CA LEU A 197 11.41 -20.24 -12.03
C LEU A 197 12.65 -20.91 -12.60
N GLU A 198 13.66 -21.12 -11.76
CA GLU A 198 14.96 -21.58 -12.24
C GLU A 198 15.11 -23.10 -12.21
N GLY A 199 14.17 -23.82 -11.65
CA GLY A 199 14.28 -25.27 -11.59
C GLY A 199 15.41 -25.73 -10.70
N LEU A 200 15.66 -25.04 -9.60
CA LEU A 200 16.75 -25.40 -8.71
C LEU A 200 16.37 -26.57 -7.80
N SER A 201 17.40 -27.29 -7.37
CA SER A 201 17.20 -28.36 -6.42
C SER A 201 16.91 -27.81 -5.02
N GLU A 202 16.45 -28.69 -4.14
CA GLU A 202 16.29 -28.32 -2.72
C GLU A 202 17.60 -27.83 -2.15
N GLU A 203 18.68 -28.56 -2.44
CA GLU A 203 20.00 -28.24 -1.92
C GLU A 203 20.44 -26.85 -2.38
N ALA A 204 20.26 -26.56 -3.67
CA ALA A 204 20.71 -25.28 -4.19
C ALA A 204 19.87 -24.14 -3.61
N ILE A 205 18.54 -24.34 -3.51
CA ILE A 205 17.71 -23.24 -3.01
C ILE A 205 17.96 -22.99 -1.54
N MET A 206 18.33 -24.02 -0.76
CA MET A 206 18.71 -23.72 0.62
C MET A 206 20.07 -23.03 0.70
N GLU A 207 20.94 -23.21 -0.29
CA GLU A 207 22.22 -22.50 -0.24
C GLU A 207 22.20 -21.15 -0.96
N LEU A 208 21.13 -20.85 -1.71
CA LEU A 208 21.14 -19.68 -2.58
C LEU A 208 21.26 -18.37 -1.80
N ASN A 209 22.13 -17.48 -2.27
CA ASN A 209 22.31 -16.17 -1.66
C ASN A 209 21.25 -15.20 -2.18
N LEU A 210 20.38 -14.72 -1.29
CA LEU A 210 19.32 -13.79 -1.65
C LEU A 210 19.58 -12.47 -0.94
N PRO A 211 20.12 -11.46 -1.61
CA PRO A 211 20.48 -10.22 -0.92
C PRO A 211 19.25 -9.43 -0.52
N THR A 212 19.41 -8.64 0.53
CA THR A 212 18.32 -7.78 0.97
C THR A 212 18.44 -6.41 0.32
N GLY A 213 17.28 -5.82 0.02
CA GLY A 213 17.23 -4.46 -0.49
C GLY A 213 17.76 -4.26 -1.90
N ILE A 214 18.25 -5.31 -2.55
CA ILE A 214 18.77 -5.22 -3.91
C ILE A 214 17.68 -5.74 -4.84
N PRO A 215 17.19 -4.94 -5.78
CA PRO A 215 16.19 -5.48 -6.72
C PRO A 215 16.74 -6.67 -7.50
N ILE A 216 15.92 -7.71 -7.59
CA ILE A 216 16.25 -8.95 -8.28
C ILE A 216 15.42 -9.00 -9.55
N VAL A 217 16.06 -9.10 -10.70
CA VAL A 217 15.40 -8.89 -11.99
C VAL A 217 15.44 -10.17 -12.81
N TYR A 218 14.28 -10.57 -13.33
CA TYR A 218 14.13 -11.69 -14.25
C TYR A 218 13.62 -11.20 -15.59
N GLU A 219 14.26 -11.66 -16.67
CA GLU A 219 13.69 -11.59 -18.01
C GLU A 219 13.13 -12.98 -18.32
N LEU A 220 11.85 -13.04 -18.66
CA LEU A 220 11.17 -14.30 -18.90
C LEU A 220 10.70 -14.39 -20.34
N ASP A 221 10.75 -15.60 -20.89
CA ASP A 221 10.20 -15.82 -22.22
C ASP A 221 8.69 -16.04 -22.14
N LYS A 222 8.08 -16.33 -23.29
CA LYS A 222 6.62 -16.46 -23.36
C LYS A 222 6.09 -17.59 -22.49
N ASN A 223 6.89 -18.60 -22.18
CA ASN A 223 6.47 -19.66 -21.28
C ASN A 223 6.93 -19.42 -19.85
N LEU A 224 7.30 -18.18 -19.53
CA LEU A 224 7.71 -17.77 -18.19
C LEU A 224 9.00 -18.44 -17.75
N LYS A 225 9.82 -18.94 -18.71
CA LYS A 225 11.13 -19.47 -18.37
C LYS A 225 12.16 -18.34 -18.37
N PRO A 226 12.98 -18.23 -17.34
CA PRO A 226 14.01 -17.17 -17.33
C PRO A 226 14.95 -17.29 -18.52
N ILE A 227 15.22 -16.15 -19.16
CA ILE A 227 16.20 -16.09 -20.23
C ILE A 227 17.61 -16.27 -19.65
N LYS A 228 17.83 -15.76 -18.45
CA LYS A 228 19.06 -15.86 -17.69
C LYS A 228 18.66 -16.03 -16.23
N PRO A 229 19.57 -16.49 -15.37
CA PRO A 229 19.24 -16.54 -13.94
C PRO A 229 19.10 -15.15 -13.36
N MET A 230 18.73 -15.04 -12.09
CA MET A 230 18.43 -13.73 -11.54
C MET A 230 19.61 -12.80 -11.69
N GLN A 231 19.32 -11.53 -11.95
CA GLN A 231 20.31 -10.48 -12.03
C GLN A 231 19.96 -9.42 -10.99
N PHE A 232 20.97 -8.67 -10.59
CA PHE A 232 20.85 -7.73 -9.49
C PHE A 232 21.01 -6.31 -10.00
N LEU A 233 20.14 -5.43 -9.53
CA LEU A 233 20.14 -4.05 -9.95
C LEU A 233 20.88 -3.20 -8.93
N GLY A 234 21.77 -2.34 -9.43
CA GLY A 234 22.48 -1.43 -8.56
C GLY A 234 23.92 -1.25 -8.99
N ASP A 235 24.65 -0.37 -8.31
CA ASP A 235 26.06 -0.19 -8.62
C ASP A 235 26.79 -1.51 -8.49
N GLU A 236 27.61 -1.83 -9.49
CA GLU A 236 28.26 -3.14 -9.53
C GLU A 236 29.05 -3.42 -8.26
N GLU A 237 29.77 -2.42 -7.76
CA GLU A 237 30.62 -2.69 -6.61
C GLU A 237 29.82 -2.82 -5.32
N THR A 238 28.72 -2.07 -5.18
CA THR A 238 27.81 -2.27 -4.05
C THR A 238 27.17 -3.65 -4.08
N VAL A 239 26.70 -4.07 -5.25
CA VAL A 239 26.12 -5.40 -5.40
C VAL A 239 27.18 -6.47 -5.11
N ARG A 240 28.38 -6.31 -5.68
CA ARG A 240 29.43 -7.31 -5.49
C ARG A 240 29.75 -7.50 -4.03
N LYS A 241 29.92 -6.39 -3.29
CA LYS A 241 30.22 -6.47 -1.87
C LYS A 241 29.05 -7.08 -1.10
N ALA A 242 27.82 -6.75 -1.51
CA ALA A 242 26.65 -7.30 -0.82
C ALA A 242 26.54 -8.80 -1.07
N MET A 243 26.92 -9.27 -2.26
CA MET A 243 26.79 -10.68 -2.53
C MET A 243 27.91 -11.47 -1.87
N GLU A 244 29.09 -10.86 -1.73
CA GLU A 244 30.13 -11.46 -0.92
C GLU A 244 29.70 -11.57 0.54
N ALA A 245 28.97 -10.57 1.04
CA ALA A 245 28.53 -10.58 2.43
C ALA A 245 27.56 -11.71 2.71
N VAL A 246 26.55 -11.88 1.84
CA VAL A 246 25.56 -12.92 2.06
C VAL A 246 26.17 -14.30 1.86
N ALA A 247 27.06 -14.44 0.86
CA ALA A 247 27.77 -15.70 0.66
C ALA A 247 28.59 -16.06 1.90
N ALA A 248 29.19 -15.05 2.53
CA ALA A 248 29.96 -15.29 3.76
C ALA A 248 29.03 -15.66 4.92
N GLN A 249 27.86 -15.03 4.99
CA GLN A 249 26.91 -15.39 6.05
C GLN A 249 26.42 -16.82 5.90
N GLY A 250 26.22 -17.27 4.65
CA GLY A 250 25.88 -18.67 4.45
C GLY A 250 26.98 -19.60 4.93
N LYS A 251 28.22 -19.30 4.59
CA LYS A 251 29.38 -20.04 5.08
C LYS A 251 29.60 -19.75 6.57
N ALA B 3 -25.90 -0.42 13.81
CA ALA B 3 -25.64 0.55 12.75
C ALA B 3 -24.26 0.31 12.15
N TYR B 4 -24.18 0.27 10.82
CA TYR B 4 -22.88 0.23 10.13
C TYR B 4 -22.05 1.44 10.53
N LYS B 5 -20.74 1.25 10.62
CA LYS B 5 -19.81 2.34 10.94
C LYS B 5 -18.95 2.63 9.72
N LEU B 6 -18.95 3.89 9.27
CA LEU B 6 -18.14 4.33 8.13
C LEU B 6 -17.23 5.46 8.56
N VAL B 7 -15.96 5.42 8.14
CA VAL B 7 -15.01 6.48 8.50
C VAL B 7 -14.41 7.08 7.23
N LEU B 8 -14.41 8.42 7.17
CA LEU B 8 -13.82 9.20 6.10
C LEU B 8 -12.67 10.01 6.67
N ILE B 9 -11.63 10.26 5.87
CA ILE B 9 -10.63 11.24 6.27
C ILE B 9 -10.20 12.02 5.03
N ARG B 10 -10.19 13.34 5.16
CA ARG B 10 -9.69 14.27 4.16
C ARG B 10 -8.21 14.51 4.43
N HIS B 11 -7.37 14.43 3.39
CA HIS B 11 -5.95 14.67 3.60
C HIS B 11 -5.71 16.13 4.01
N GLY B 12 -4.55 16.34 4.64
CA GLY B 12 -4.15 17.65 5.10
C GLY B 12 -3.34 18.44 4.08
N GLU B 13 -2.64 19.45 4.59
CA GLU B 13 -1.93 20.43 3.77
C GLU B 13 -0.94 19.78 2.81
N SER B 14 -0.93 20.27 1.57
CA SER B 14 -0.06 19.78 0.52
C SER B 14 1.04 20.79 0.20
N ALA B 15 2.02 20.34 -0.59
CA ALA B 15 3.12 21.21 -0.98
C ALA B 15 2.63 22.44 -1.74
N TRP B 16 1.58 22.30 -2.54
CA TRP B 16 1.12 23.44 -3.31
C TRP B 16 0.19 24.35 -2.52
N ASN B 17 -0.43 23.85 -1.45
CA ASN B 17 -1.14 24.75 -0.54
C ASN B 17 -0.21 25.84 -0.03
N LEU B 18 1.06 25.48 0.24
CA LEU B 18 2.03 26.43 0.74
C LEU B 18 2.33 27.51 -0.28
N GLU B 19 2.16 27.21 -1.56
CA GLU B 19 2.37 28.17 -2.63
C GLU B 19 1.08 28.83 -3.11
N ASN B 20 -0.04 28.58 -2.45
CA ASN B 20 -1.36 29.07 -2.88
C ASN B 20 -1.69 28.69 -4.32
N ARG B 21 -1.23 27.51 -4.75
CA ARG B 21 -1.40 27.07 -6.14
C ARG B 21 -2.48 26.00 -6.23
N PHE B 22 -3.30 26.08 -7.29
CA PHE B 22 -4.35 25.09 -7.51
C PHE B 22 -3.75 23.76 -7.94
N SER B 23 -3.96 22.71 -7.15
CA SER B 23 -3.43 21.40 -7.47
C SER B 23 -4.36 20.60 -8.37
N GLY B 24 -5.56 20.32 -7.88
CA GLY B 24 -6.48 19.50 -8.65
C GLY B 24 -5.90 18.12 -8.89
N TRP B 25 -5.77 17.75 -10.16
CA TRP B 25 -5.21 16.44 -10.47
C TRP B 25 -3.69 16.42 -10.45
N TYR B 26 -3.02 17.58 -10.30
CA TYR B 26 -1.57 17.55 -10.09
C TYR B 26 -1.27 16.77 -8.82
N ASP B 27 -0.26 15.89 -8.88
CA ASP B 27 -0.01 14.92 -7.81
C ASP B 27 0.92 15.49 -6.73
N ALA B 28 0.51 16.60 -6.13
CA ALA B 28 1.29 17.23 -5.06
C ALA B 28 1.36 16.36 -3.81
N ASP B 29 2.55 16.33 -3.18
CA ASP B 29 2.69 15.54 -1.97
C ASP B 29 2.16 16.30 -0.77
N LEU B 30 1.96 15.59 0.34
CA LEU B 30 1.72 16.27 1.60
C LEU B 30 2.93 17.12 1.98
N SER B 31 2.65 18.25 2.64
CA SER B 31 3.69 18.98 3.35
C SER B 31 4.01 18.25 4.65
N PRO B 32 5.13 18.58 5.30
CA PRO B 32 5.37 18.01 6.63
C PRO B 32 4.19 18.19 7.57
N ALA B 33 3.56 19.37 7.55
CA ALA B 33 2.40 19.61 8.40
C ALA B 33 1.22 18.72 8.02
N GLY B 34 0.98 18.51 6.73
CA GLY B 34 -0.11 17.63 6.34
C GLY B 34 0.14 16.18 6.76
N HIS B 35 1.40 15.75 6.68
CA HIS B 35 1.79 14.44 7.20
C HIS B 35 1.50 14.34 8.69
N GLU B 36 1.87 15.37 9.45
CA GLU B 36 1.62 15.38 10.89
C GLU B 36 0.13 15.31 11.19
N GLU B 37 -0.69 16.00 10.40
CA GLU B 37 -2.13 15.93 10.59
C GLU B 37 -2.61 14.49 10.43
N ALA B 38 -2.14 13.80 9.39
CA ALA B 38 -2.56 12.41 9.22
C ALA B 38 -2.13 11.55 10.40
N LYS B 39 -0.93 11.81 10.94
CA LYS B 39 -0.47 11.09 12.13
C LYS B 39 -1.42 11.29 13.29
N ARG B 40 -1.84 12.53 13.52
CA ARG B 40 -2.76 12.81 14.64
C ARG B 40 -4.11 12.15 14.41
N GLY B 41 -4.63 12.17 13.18
CA GLY B 41 -5.88 11.47 12.91
C GLY B 41 -5.77 9.98 13.13
N GLY B 42 -4.63 9.40 12.72
CA GLY B 42 -4.42 7.98 12.98
C GLY B 42 -4.35 7.67 14.46
N GLN B 43 -3.68 8.53 15.23
CA GLN B 43 -3.64 8.30 16.68
C GLN B 43 -5.01 8.43 17.31
N ALA B 44 -5.87 9.32 16.80
CA ALA B 44 -7.22 9.41 17.33
C ALA B 44 -7.99 8.12 17.07
N LEU B 45 -7.79 7.52 15.88
CA LEU B 45 -8.44 6.24 15.59
C LEU B 45 -7.89 5.13 16.47
N ARG B 46 -6.59 5.13 16.70
CA ARG B 46 -5.98 4.10 17.55
C ARG B 46 -6.51 4.19 18.98
N ASP B 47 -6.56 5.41 19.51
CA ASP B 47 -7.03 5.60 20.89
C ASP B 47 -8.49 5.19 21.05
N ALA B 48 -9.32 5.37 20.02
CA ALA B 48 -10.72 4.96 20.06
C ALA B 48 -10.92 3.49 19.74
N GLY B 49 -9.86 2.77 19.38
CA GLY B 49 -9.94 1.35 19.12
C GLY B 49 -10.54 0.95 17.79
N TYR B 50 -10.43 1.80 16.77
CA TYR B 50 -11.12 1.51 15.51
C TYR B 50 -10.41 0.39 14.74
N GLU B 51 -11.22 -0.50 14.17
CA GLU B 51 -10.75 -1.59 13.34
C GLU B 51 -11.46 -1.49 11.99
N PHE B 52 -10.70 -1.68 10.92
CA PHE B 52 -11.26 -1.68 9.57
C PHE B 52 -11.02 -3.01 8.91
N ASP B 53 -11.74 -3.23 7.80
CA ASP B 53 -11.58 -4.43 6.97
C ASP B 53 -11.13 -4.13 5.55
N ILE B 54 -11.33 -2.91 5.05
CA ILE B 54 -10.96 -2.57 3.69
C ILE B 54 -10.87 -1.06 3.61
N CYS B 55 -9.95 -0.56 2.76
CA CYS B 55 -9.69 0.87 2.63
C CYS B 55 -9.81 1.28 1.18
N PHE B 56 -10.34 2.47 0.95
CA PHE B 56 -10.43 3.04 -0.40
C PHE B 56 -9.74 4.39 -0.43
N THR B 57 -9.03 4.66 -1.52
CA THR B 57 -8.38 5.96 -1.67
C THR B 57 -8.35 6.32 -3.16
N SER B 58 -7.79 7.49 -3.46
CA SER B 58 -7.65 7.97 -4.83
C SER B 58 -6.35 7.43 -5.43
N VAL B 59 -5.99 7.90 -6.62
CA VAL B 59 -4.67 7.61 -7.16
C VAL B 59 -3.71 8.79 -6.96
N GLN B 60 -3.98 9.65 -5.98
CA GLN B 60 -3.16 10.82 -5.74
C GLN B 60 -2.39 10.63 -4.44
N LYS B 61 -1.08 10.91 -4.47
CA LYS B 61 -0.23 10.53 -3.35
C LYS B 61 -0.56 11.28 -2.06
N ARG B 62 -1.14 12.49 -2.11
CA ARG B 62 -1.45 13.14 -0.83
C ARG B 62 -2.54 12.39 -0.05
N ALA B 63 -3.49 11.78 -0.77
CA ALA B 63 -4.47 10.91 -0.12
C ALA B 63 -3.87 9.55 0.24
N ILE B 64 -3.11 8.95 -0.68
CA ILE B 64 -2.53 7.64 -0.40
C ILE B 64 -1.61 7.74 0.80
N ARG B 65 -0.79 8.79 0.87
CA ARG B 65 0.12 8.90 2.01
C ARG B 65 -0.64 9.15 3.30
N THR B 66 -1.75 9.91 3.25
CA THR B 66 -2.62 10.01 4.43
C THR B 66 -3.11 8.63 4.88
N LEU B 67 -3.58 7.81 3.94
CA LEU B 67 -4.01 6.46 4.31
C LEU B 67 -2.87 5.65 4.92
N TRP B 68 -1.70 5.66 4.26
CA TRP B 68 -0.55 4.92 4.78
C TRP B 68 -0.22 5.33 6.21
N THR B 69 -0.23 6.64 6.47
CA THR B 69 0.08 7.15 7.81
C THR B 69 -0.95 6.68 8.83
N VAL B 70 -2.22 6.68 8.46
CA VAL B 70 -3.26 6.21 9.36
C VAL B 70 -3.10 4.71 9.63
N LEU B 71 -2.88 3.92 8.58
CA LEU B 71 -2.75 2.48 8.76
C LEU B 71 -1.54 2.16 9.63
N ASP B 72 -0.45 2.91 9.47
CA ASP B 72 0.72 2.74 10.33
C ASP B 72 0.36 3.02 11.78
N ALA B 73 -0.36 4.12 12.02
CA ALA B 73 -0.69 4.50 13.40
C ALA B 73 -1.61 3.48 14.07
N ILE B 74 -2.52 2.86 13.32
CA ILE B 74 -3.47 1.93 13.90
C ILE B 74 -3.04 0.48 13.77
N ASP B 75 -1.83 0.22 13.27
CA ASP B 75 -1.25 -1.12 13.12
C ASP B 75 -2.16 -2.03 12.28
N GLN B 76 -2.65 -1.47 11.16
CA GLN B 76 -3.47 -2.22 10.21
C GLN B 76 -2.91 -2.05 8.79
N MET B 77 -1.58 -2.11 8.68
CA MET B 77 -0.92 -1.94 7.39
C MET B 77 -1.23 -3.08 6.45
N TRP B 78 -1.74 -4.21 6.98
CA TRP B 78 -2.06 -5.42 6.24
C TRP B 78 -3.42 -5.40 5.56
N LEU B 79 -4.23 -4.35 5.79
CA LEU B 79 -5.56 -4.30 5.21
C LEU B 79 -5.51 -4.19 3.67
N PRO B 80 -6.50 -4.77 2.99
CA PRO B 80 -6.63 -4.52 1.55
C PRO B 80 -6.89 -3.04 1.28
N VAL B 81 -6.21 -2.52 0.27
CA VAL B 81 -6.35 -1.13 -0.15
C VAL B 81 -6.77 -1.14 -1.62
N VAL B 82 -7.79 -0.34 -1.95
CA VAL B 82 -8.24 -0.17 -3.33
C VAL B 82 -8.12 1.30 -3.70
N ARG B 83 -7.43 1.57 -4.81
CA ARG B 83 -7.23 2.93 -5.31
C ARG B 83 -8.10 3.17 -6.54
N THR B 84 -8.68 4.36 -6.64
CA THR B 84 -9.46 4.68 -7.84
C THR B 84 -9.38 6.16 -8.18
N TRP B 85 -9.22 6.45 -9.48
CA TRP B 85 -9.29 7.85 -9.91
C TRP B 85 -10.63 8.49 -9.58
N ARG B 86 -11.68 7.70 -9.38
CA ARG B 86 -12.97 8.30 -9.10
C ARG B 86 -13.02 9.00 -7.74
N LEU B 87 -12.05 8.77 -6.86
CA LEU B 87 -11.98 9.50 -5.59
C LEU B 87 -11.00 10.67 -5.65
N ASN B 88 -10.48 11.00 -6.83
CA ASN B 88 -9.55 12.10 -7.01
C ASN B 88 -10.19 13.44 -6.64
N GLU B 89 -9.33 14.39 -6.28
CA GLU B 89 -9.71 15.79 -6.17
C GLU B 89 -10.36 16.28 -7.46
N ARG B 90 -11.12 17.37 -7.37
CA ARG B 90 -11.65 18.04 -8.55
C ARG B 90 -10.51 18.40 -9.50
N HIS B 91 -10.74 18.21 -10.80
CA HIS B 91 -9.79 18.66 -11.82
C HIS B 91 -9.96 20.16 -12.08
N TYR B 92 -8.87 21.03 -11.77
CA TYR B 92 -9.09 22.45 -11.79
C TYR B 92 -8.73 23.00 -13.17
N GLY B 93 -8.55 22.03 -14.21
CA GLY B 93 -8.47 22.55 -15.56
C GLY B 93 -7.31 23.49 -15.77
N GLY B 94 -7.55 24.56 -16.53
CA GLY B 94 -6.50 25.53 -16.81
C GLY B 94 -5.99 26.28 -15.61
N LEU B 95 -6.70 26.23 -14.48
CA LEU B 95 -6.21 26.89 -13.27
C LEU B 95 -5.08 26.09 -12.63
N THR B 96 -4.92 24.82 -13.00
CA THR B 96 -3.89 23.99 -12.39
C THR B 96 -2.53 24.65 -12.49
N GLY B 97 -1.86 24.76 -11.33
CA GLY B 97 -0.53 25.33 -11.27
C GLY B 97 -0.47 26.83 -11.11
N LEU B 98 -1.58 27.53 -11.26
CA LEU B 98 -1.63 28.96 -11.01
C LEU B 98 -1.84 29.25 -9.54
N ASN B 99 -1.28 30.36 -9.07
CA ASN B 99 -1.62 30.85 -7.75
C ASN B 99 -2.78 31.84 -7.86
N LYS B 100 -3.17 32.42 -6.71
CA LYS B 100 -4.33 33.32 -6.68
C LYS B 100 -4.11 34.54 -7.56
N ALA B 101 -2.95 35.19 -7.42
CA ALA B 101 -2.68 36.41 -8.18
C ALA B 101 -2.67 36.13 -9.67
N GLU B 102 -2.01 35.05 -10.09
CA GLU B 102 -1.95 34.70 -11.51
C GLU B 102 -3.34 34.41 -12.05
N THR B 103 -4.16 33.73 -11.27
CA THR B 103 -5.52 33.39 -11.71
C THR B 103 -6.36 34.65 -11.89
N ALA B 104 -6.30 35.55 -10.90
CA ALA B 104 -7.03 36.81 -11.01
C ALA B 104 -6.57 37.60 -12.23
N ALA B 105 -5.25 37.71 -12.42
CA ALA B 105 -4.74 38.49 -13.55
C ALA B 105 -5.16 37.89 -14.88
N LYS B 106 -5.11 36.55 -15.00
CA LYS B 106 -5.37 35.92 -16.28
C LYS B 106 -6.87 35.87 -16.59
N HIS B 107 -7.72 35.63 -15.60
CA HIS B 107 -9.12 35.32 -15.85
C HIS B 107 -10.11 36.36 -15.33
N GLY B 108 -9.69 37.32 -14.52
CA GLY B 108 -10.61 38.38 -14.15
C GLY B 108 -11.42 38.06 -12.90
N GLU B 109 -11.72 39.13 -12.14
CA GLU B 109 -12.47 38.97 -10.90
C GLU B 109 -13.87 38.42 -11.17
N ALA B 110 -14.49 38.80 -12.28
CA ALA B 110 -15.86 38.35 -12.55
C ALA B 110 -15.91 36.83 -12.71
N GLN B 111 -15.06 36.29 -13.59
CA GLN B 111 -15.02 34.85 -13.79
C GLN B 111 -14.61 34.13 -12.52
N VAL B 112 -13.68 34.72 -11.75
CA VAL B 112 -13.24 34.07 -10.52
C VAL B 112 -14.40 33.90 -9.55
N LYS B 113 -15.20 34.96 -9.37
CA LYS B 113 -16.36 34.83 -8.49
C LYS B 113 -17.36 33.82 -9.02
N ILE B 114 -17.57 33.79 -10.34
CA ILE B 114 -18.47 32.78 -10.91
C ILE B 114 -18.01 31.38 -10.53
N TRP B 115 -16.74 31.05 -10.83
CA TRP B 115 -16.27 29.69 -10.57
C TRP B 115 -16.28 29.37 -9.09
N ARG B 116 -15.94 30.35 -8.26
CA ARG B 116 -15.92 30.16 -6.82
C ARG B 116 -17.29 29.76 -6.29
N ARG B 117 -18.34 30.48 -6.69
CA ARG B 117 -19.64 30.29 -6.06
C ARG B 117 -20.56 29.35 -6.82
N SER B 118 -20.12 28.77 -7.94
CA SER B 118 -20.99 27.97 -8.79
C SER B 118 -20.82 26.48 -8.54
N TYR B 119 -21.95 25.76 -8.49
CA TYR B 119 -21.90 24.30 -8.37
C TYR B 119 -21.58 23.63 -9.70
N ASP B 120 -21.95 24.26 -10.82
CA ASP B 120 -22.00 23.55 -12.09
C ASP B 120 -21.30 24.26 -13.23
N VAL B 121 -20.55 25.32 -12.99
CA VAL B 121 -19.77 26.00 -14.03
C VAL B 121 -18.31 25.59 -13.85
N PRO B 122 -17.71 24.88 -14.80
CA PRO B 122 -16.34 24.40 -14.62
C PRO B 122 -15.33 25.50 -14.84
N PRO B 123 -14.11 25.33 -14.34
CA PRO B 123 -13.00 26.21 -14.71
C PRO B 123 -12.64 26.02 -16.17
N PRO B 124 -11.73 26.84 -16.71
CA PRO B 124 -11.33 26.66 -18.10
C PRO B 124 -10.70 25.29 -18.31
N PRO B 125 -10.79 24.74 -19.52
CA PRO B 125 -10.15 23.46 -19.81
C PRO B 125 -8.63 23.57 -19.83
N MET B 126 -7.98 22.45 -19.50
CA MET B 126 -6.54 22.33 -19.61
C MET B 126 -6.25 21.86 -21.04
N GLU B 127 -5.65 22.74 -21.83
CA GLU B 127 -5.45 22.57 -23.26
C GLU B 127 -4.03 22.10 -23.53
N PRO B 128 -3.72 21.65 -24.75
CA PRO B 128 -2.39 21.07 -24.99
C PRO B 128 -1.22 22.01 -24.76
N ASP B 129 -1.44 23.34 -24.70
CA ASP B 129 -0.34 24.26 -24.42
C ASP B 129 -0.22 24.60 -22.94
N HIS B 130 -1.02 23.96 -22.09
CA HIS B 130 -0.94 24.22 -20.67
C HIS B 130 0.30 23.56 -20.07
N PRO B 131 0.98 24.22 -19.13
CA PRO B 131 2.23 23.66 -18.61
C PRO B 131 2.09 22.27 -17.99
N PHE B 132 0.91 21.92 -17.47
CA PHE B 132 0.74 20.62 -16.83
C PHE B 132 -0.07 19.66 -17.67
N TYR B 133 -0.30 19.97 -18.94
CA TYR B 133 -1.08 19.11 -19.82
C TYR B 133 -0.47 17.72 -19.93
N SER B 134 0.83 17.63 -20.26
CA SER B 134 1.43 16.31 -20.40
C SER B 134 1.56 15.62 -19.05
N ASN B 135 1.87 16.41 -18.02
CA ASN B 135 2.07 15.86 -16.69
C ASN B 135 0.84 15.11 -16.19
N ILE B 136 -0.35 15.61 -16.49
CA ILE B 136 -1.59 15.02 -16.00
C ILE B 136 -2.28 14.20 -17.08
N SER B 137 -2.58 14.81 -18.22
CA SER B 137 -3.40 14.11 -19.22
C SER B 137 -2.68 12.95 -19.89
N LYS B 138 -1.34 12.92 -19.84
CA LYS B 138 -0.59 11.80 -20.40
C LYS B 138 0.01 10.91 -19.33
N ASP B 139 -0.39 11.09 -18.07
CA ASP B 139 0.05 10.18 -17.02
C ASP B 139 -0.55 8.80 -17.25
N ARG B 140 0.29 7.76 -17.26
CA ARG B 140 -0.19 6.42 -17.58
C ARG B 140 -1.18 5.89 -16.54
N ARG B 141 -1.31 6.54 -15.38
CA ARG B 141 -2.29 6.02 -14.43
C ARG B 141 -3.72 6.21 -14.91
N TYR B 142 -3.93 7.04 -15.95
CA TYR B 142 -5.26 7.26 -16.50
C TYR B 142 -5.42 6.58 -17.86
N ALA B 143 -4.52 5.66 -18.20
CA ALA B 143 -4.51 5.09 -19.55
C ALA B 143 -5.76 4.27 -19.84
N ASP B 144 -6.41 3.73 -18.82
CA ASP B 144 -7.58 2.90 -19.05
C ASP B 144 -8.89 3.69 -19.05
N LEU B 145 -8.83 5.00 -18.79
CA LEU B 145 -10.01 5.85 -18.93
C LEU B 145 -10.34 6.03 -20.41
N THR B 146 -11.63 6.03 -20.74
CA THR B 146 -12.01 6.35 -22.10
C THR B 146 -11.81 7.85 -22.35
N GLU B 147 -11.87 8.24 -23.62
CA GLU B 147 -11.62 9.64 -23.96
C GLU B 147 -12.66 10.57 -23.34
N ASP B 148 -13.89 10.07 -23.12
CA ASP B 148 -14.91 10.90 -22.47
C ASP B 148 -14.83 10.90 -20.95
N GLN B 149 -13.99 10.07 -20.33
CA GLN B 149 -13.86 10.06 -18.88
C GLN B 149 -12.72 10.94 -18.39
N LEU B 150 -11.65 11.07 -19.16
CA LEU B 150 -10.53 11.87 -18.71
C LEU B 150 -10.93 13.34 -18.78
N PRO B 151 -11.06 14.04 -17.67
CA PRO B 151 -11.54 15.43 -17.74
C PRO B 151 -10.44 16.35 -18.23
N SER B 152 -10.86 17.42 -18.91
CA SER B 152 -10.00 18.58 -19.07
C SER B 152 -10.26 19.65 -18.01
N CYS B 153 -11.32 19.48 -17.23
CA CYS B 153 -11.76 20.40 -16.17
C CYS B 153 -13.01 19.80 -15.55
N GLU B 154 -13.30 20.21 -14.32
CA GLU B 154 -14.47 19.71 -13.60
C GLU B 154 -15.08 20.81 -12.75
N SER B 155 -16.41 20.95 -12.81
CA SER B 155 -17.14 21.60 -11.75
C SER B 155 -17.29 20.63 -10.58
N LEU B 156 -17.74 21.14 -9.43
CA LEU B 156 -18.07 20.25 -8.32
C LEU B 156 -19.10 19.22 -8.76
N LYS B 157 -20.12 19.66 -9.51
CA LYS B 157 -21.10 18.73 -10.05
C LYS B 157 -20.44 17.58 -10.80
N ASP B 158 -19.47 17.89 -11.67
CA ASP B 158 -18.77 16.85 -12.43
C ASP B 158 -18.04 15.88 -11.51
N THR B 159 -17.31 16.42 -10.53
CA THR B 159 -16.56 15.59 -9.60
C THR B 159 -17.48 14.61 -8.87
N ILE B 160 -18.59 15.12 -8.34
CA ILE B 160 -19.53 14.27 -7.62
C ILE B 160 -20.12 13.22 -8.56
N ALA B 161 -20.39 13.61 -9.82
CA ALA B 161 -20.97 12.69 -10.78
C ALA B 161 -20.05 11.51 -11.11
N ARG B 162 -18.73 11.70 -11.12
CA ARG B 162 -17.89 10.54 -11.38
C ARG B 162 -17.41 9.83 -10.11
N ALA B 163 -17.60 10.43 -8.93
CA ALA B 163 -17.25 9.76 -7.68
C ALA B 163 -18.36 8.82 -7.22
N LEU B 164 -19.62 9.24 -7.37
CA LEU B 164 -20.70 8.43 -6.84
C LEU B 164 -20.86 7.05 -7.50
N PRO B 165 -20.56 6.84 -8.78
CA PRO B 165 -20.62 5.46 -9.29
C PRO B 165 -19.72 4.51 -8.51
N PHE B 166 -18.55 4.98 -8.05
CA PHE B 166 -17.69 4.10 -7.28
C PHE B 166 -18.29 3.81 -5.91
N TRP B 167 -18.87 4.83 -5.28
CA TRP B 167 -19.58 4.62 -4.02
C TRP B 167 -20.68 3.57 -4.20
N ASN B 168 -21.51 3.74 -5.23
CA ASN B 168 -22.69 2.89 -5.41
C ASN B 168 -22.32 1.47 -5.81
N GLU B 169 -21.32 1.31 -6.69
CA GLU B 169 -21.07 0.00 -7.28
C GLU B 169 -19.98 -0.79 -6.56
N GLU B 170 -19.16 -0.15 -5.73
CA GLU B 170 -18.11 -0.90 -5.05
C GLU B 170 -18.17 -0.74 -3.54
N ILE B 171 -18.32 0.49 -3.04
CA ILE B 171 -18.26 0.68 -1.59
C ILE B 171 -19.54 0.19 -0.91
N VAL B 172 -20.69 0.53 -1.48
CA VAL B 172 -21.97 0.12 -0.87
C VAL B 172 -22.07 -1.40 -0.71
N PRO B 173 -21.76 -2.23 -1.72
CA PRO B 173 -21.85 -3.68 -1.48
C PRO B 173 -20.94 -4.14 -0.33
N GLN B 174 -19.76 -3.53 -0.21
CA GLN B 174 -18.84 -3.89 0.87
C GLN B 174 -19.46 -3.57 2.24
N ILE B 175 -20.05 -2.37 2.36
CA ILE B 175 -20.70 -2.00 3.62
C ILE B 175 -21.83 -2.98 3.92
N LYS B 176 -22.62 -3.32 2.91
CA LYS B 176 -23.76 -4.20 3.12
C LYS B 176 -23.33 -5.60 3.49
N GLU B 177 -22.10 -5.99 3.19
CA GLU B 177 -21.64 -7.26 3.70
C GLU B 177 -20.93 -7.16 5.04
N GLY B 178 -21.06 -6.03 5.72
CA GLY B 178 -20.53 -5.86 7.06
C GLY B 178 -19.06 -5.51 7.14
N LYS B 179 -18.41 -5.20 6.02
CA LYS B 179 -17.01 -4.83 6.13
C LYS B 179 -16.90 -3.39 6.57
N ARG B 180 -15.96 -3.14 7.48
CA ARG B 180 -15.77 -1.83 8.09
C ARG B 180 -14.85 -1.02 7.17
N VAL B 181 -15.39 0.03 6.56
CA VAL B 181 -14.73 0.76 5.49
C VAL B 181 -14.08 2.02 6.02
N LEU B 182 -12.85 2.27 5.58
CA LEU B 182 -12.15 3.55 5.75
C LEU B 182 -11.94 4.14 4.36
N ILE B 183 -12.30 5.41 4.19
CA ILE B 183 -12.08 6.11 2.93
C ILE B 183 -11.16 7.29 3.20
N ALA B 184 -9.99 7.31 2.54
CA ALA B 184 -9.07 8.42 2.64
C ALA B 184 -9.04 9.13 1.29
N ALA B 185 -9.59 10.34 1.24
CA ALA B 185 -9.62 11.00 -0.07
C ALA B 185 -9.52 12.51 0.04
N HIS B 186 -10.29 13.23 -0.78
CA HIS B 186 -10.12 14.66 -0.96
C HIS B 186 -11.42 15.39 -0.64
N GLY B 187 -11.31 16.70 -0.40
CA GLY B 187 -12.48 17.47 -0.02
C GLY B 187 -13.66 17.29 -0.97
N ASN B 188 -13.42 17.47 -2.27
CA ASN B 188 -14.57 17.49 -3.18
C ASN B 188 -15.14 16.09 -3.48
N SER B 189 -14.30 15.05 -3.48
CA SER B 189 -14.87 13.73 -3.69
C SER B 189 -15.62 13.24 -2.45
N LEU B 190 -15.08 13.53 -1.26
CA LEU B 190 -15.80 13.22 -0.04
C LEU B 190 -17.09 14.04 0.06
N ARG B 191 -17.07 15.28 -0.45
CA ARG B 191 -18.30 16.06 -0.52
C ARG B 191 -19.37 15.32 -1.32
N GLY B 192 -18.97 14.66 -2.40
CA GLY B 192 -19.94 13.85 -3.13
C GLY B 192 -20.57 12.78 -2.27
N ILE B 193 -19.73 12.08 -1.49
CA ILE B 193 -20.27 11.03 -0.62
C ILE B 193 -21.22 11.63 0.44
N VAL B 194 -20.81 12.74 1.04
CA VAL B 194 -21.64 13.38 2.07
C VAL B 194 -22.97 13.85 1.47
N LYS B 195 -22.91 14.51 0.31
CA LYS B 195 -24.13 14.99 -0.34
C LYS B 195 -25.10 13.84 -0.56
N HIS B 196 -24.59 12.69 -1.02
CA HIS B 196 -25.46 11.54 -1.27
C HIS B 196 -26.03 10.98 0.03
N LEU B 197 -25.17 10.76 1.04
CA LEU B 197 -25.61 10.15 2.29
C LEU B 197 -26.69 10.97 2.96
N GLU B 198 -26.54 12.30 2.93
CA GLU B 198 -27.42 13.18 3.68
C GLU B 198 -28.49 13.85 2.83
N GLY B 199 -28.52 13.58 1.53
CA GLY B 199 -29.50 14.22 0.66
C GLY B 199 -29.41 15.73 0.66
N LEU B 200 -28.20 16.28 0.64
CA LEU B 200 -28.02 17.73 0.71
C LEU B 200 -28.29 18.39 -0.64
N SER B 201 -28.73 19.64 -0.57
CA SER B 201 -28.90 20.47 -1.75
C SER B 201 -27.54 20.94 -2.27
N GLU B 202 -27.53 21.44 -3.50
CA GLU B 202 -26.31 22.03 -4.06
C GLU B 202 -25.79 23.14 -3.15
N GLU B 203 -26.68 24.04 -2.73
CA GLU B 203 -26.29 25.13 -1.84
C GLU B 203 -25.70 24.58 -0.56
N ALA B 204 -26.32 23.54 0.00
CA ALA B 204 -25.85 23.00 1.27
C ALA B 204 -24.46 22.39 1.13
N ILE B 205 -24.22 21.61 0.07
CA ILE B 205 -22.92 20.96 -0.04
C ILE B 205 -21.84 21.99 -0.35
N MET B 206 -22.17 23.08 -1.04
CA MET B 206 -21.14 24.10 -1.28
C MET B 206 -20.79 24.84 0.01
N GLU B 207 -21.71 24.93 0.95
CA GLU B 207 -21.43 25.55 2.24
C GLU B 207 -20.71 24.62 3.19
N LEU B 208 -20.54 23.35 2.83
CA LEU B 208 -19.91 22.36 3.69
C LEU B 208 -18.42 22.28 3.39
N ASN B 209 -17.61 22.58 4.39
CA ASN B 209 -16.17 22.36 4.33
C ASN B 209 -15.82 21.28 5.35
N LEU B 210 -15.30 20.17 4.86
CA LEU B 210 -14.93 19.11 5.78
C LEU B 210 -13.57 19.41 6.42
N PRO B 211 -13.42 19.18 7.72
CA PRO B 211 -12.10 19.40 8.33
C PRO B 211 -11.08 18.41 7.78
N THR B 212 -9.82 18.83 7.75
CA THR B 212 -8.73 18.00 7.27
C THR B 212 -8.07 17.25 8.42
N GLY B 213 -7.57 16.06 8.12
CA GLY B 213 -6.83 15.27 9.09
C GLY B 213 -7.62 14.71 10.24
N ILE B 214 -8.94 14.83 10.21
CA ILE B 214 -9.83 14.48 11.32
C ILE B 214 -10.68 13.29 10.87
N PRO B 215 -10.67 12.16 11.57
CA PRO B 215 -11.60 11.09 11.22
C PRO B 215 -13.04 11.58 11.34
N ILE B 216 -13.80 11.36 10.27
CA ILE B 216 -15.21 11.70 10.17
C ILE B 216 -16.00 10.40 10.24
N VAL B 217 -16.87 10.28 11.23
CA VAL B 217 -17.55 9.02 11.52
C VAL B 217 -19.03 9.14 11.19
N TYR B 218 -19.54 8.18 10.43
CA TYR B 218 -20.96 8.03 10.13
C TYR B 218 -21.48 6.73 10.72
N GLU B 219 -22.70 6.79 11.22
CA GLU B 219 -23.44 5.62 11.68
C GLU B 219 -24.65 5.47 10.76
N LEU B 220 -24.69 4.36 10.03
CA LEU B 220 -25.65 4.17 8.95
C LEU B 220 -26.62 3.06 9.28
N ASP B 221 -27.90 3.25 8.92
CA ASP B 221 -28.89 2.21 9.16
C ASP B 221 -28.86 1.18 8.02
N LYS B 222 -29.82 0.26 8.05
CA LYS B 222 -29.87 -0.83 7.08
C LYS B 222 -30.01 -0.35 5.65
N ASN B 223 -30.55 0.86 5.45
CA ASN B 223 -30.67 1.46 4.14
C ASN B 223 -29.50 2.41 3.83
N LEU B 224 -28.43 2.34 4.62
CA LEU B 224 -27.25 3.20 4.48
C LEU B 224 -27.60 4.68 4.64
N LYS B 225 -28.68 4.98 5.40
CA LYS B 225 -29.00 6.37 5.73
C LYS B 225 -28.36 6.72 7.08
N PRO B 226 -27.69 7.87 7.20
CA PRO B 226 -27.13 8.24 8.51
C PRO B 226 -28.24 8.37 9.56
N ILE B 227 -27.97 7.83 10.75
CA ILE B 227 -28.94 7.96 11.84
C ILE B 227 -28.79 9.27 12.60
N LYS B 228 -27.74 10.04 12.33
CA LYS B 228 -27.44 11.26 13.05
C LYS B 228 -26.35 12.02 12.31
N PRO B 229 -26.05 13.27 12.67
CA PRO B 229 -25.00 14.01 11.95
C PRO B 229 -23.63 13.34 12.08
N MET B 230 -22.79 13.62 11.09
CA MET B 230 -21.40 13.16 11.11
C MET B 230 -20.71 13.64 12.39
N GLN B 231 -19.85 12.79 12.94
CA GLN B 231 -19.10 13.10 14.14
C GLN B 231 -17.60 13.06 13.86
N PHE B 232 -16.84 13.69 14.75
CA PHE B 232 -15.40 13.85 14.56
C PHE B 232 -14.65 13.21 15.71
N LEU B 233 -13.51 12.60 15.40
CA LEU B 233 -12.66 11.93 16.36
C LEU B 233 -11.43 12.77 16.67
N GLY B 234 -11.02 12.76 17.93
CA GLY B 234 -9.90 13.53 18.42
C GLY B 234 -10.27 14.35 19.63
N ASP B 235 -9.23 14.87 20.28
CA ASP B 235 -9.47 15.78 21.41
C ASP B 235 -10.17 17.03 20.91
N GLU B 236 -10.93 17.66 21.81
CA GLU B 236 -11.90 18.67 21.37
C GLU B 236 -11.22 19.88 20.73
N GLU B 237 -10.04 20.27 21.23
CA GLU B 237 -9.38 21.45 20.69
C GLU B 237 -8.91 21.22 19.26
N THR B 238 -8.39 20.03 18.96
CA THR B 238 -7.97 19.73 17.59
C THR B 238 -9.15 19.82 16.63
N VAL B 239 -10.31 19.31 17.05
CA VAL B 239 -11.53 19.46 16.27
C VAL B 239 -11.89 20.94 16.12
#